data_4V0W
#
_entry.id   4V0W
#
_cell.length_a   67.010
_cell.length_b   67.860
_cell.length_c   156.750
_cell.angle_alpha   90.00
_cell.angle_beta   90.00
_cell.angle_gamma   90.00
#
_symmetry.space_group_name_H-M   'P 21 21 21'
#
loop_
_entity.id
_entity.type
_entity.pdbx_description
1 polymer 'SERINE/THREONINE-PROTEIN PHOSPHATASE PP1-GAMMA CATALYTIC SUBUNIT'
2 polymer 'PROTEIN PHOSPHATASE 1 REGULATORY SUBUNIT 15B'
3 non-polymer 'MANGANESE (II) ION'
4 water water
#
loop_
_entity_poly.entity_id
_entity_poly.type
_entity_poly.pdbx_seq_one_letter_code
_entity_poly.pdbx_strand_id
1 'polypeptide(L)'
;MLNIDSIIQRLLEVRGSKPGKNVQLQENEIRGLCLKSREIFLSQPILLELEAPLKICGDIHGQYYDLLRLFEYGGFPPES
NYLFLGDYVDRGKQSLETICLLLAYKIKYPENFFLLRGNHECASINRIYGFYDECKRRYNIKLWKTFTDCFNCLPIAAIV
DEKIFCCHGGLSPDLQSMEQIRRIMRPTDVPDQGLLCDLLWSDPDKDVLGWGENDRGVSFTFGAEVVAKFLHKHDLDLIC
RAHQVVEDGYEFFAKRQLVTLFSAPNYCGEFDNAGAMMSVDETLMCSFQILKPAE
;
A,C
2 'polypeptide(L)' GAMDPGRHTHVKRKKVTFLEEVTEYYISGDEDRKGPWEEFARDG B,D
#
loop_
_chem_comp.id
_chem_comp.type
_chem_comp.name
_chem_comp.formula
MN non-polymer 'MANGANESE (II) ION' 'Mn 2'
#
# COMPACT_ATOMS: atom_id res chain seq x y z
N MET A 1 -23.02 24.57 2.89
CA MET A 1 -23.23 25.45 1.75
C MET A 1 -21.92 26.11 1.31
N LEU A 2 -21.50 25.79 0.09
CA LEU A 2 -20.22 26.24 -0.39
C LEU A 2 -20.29 27.63 -1.02
N ASN A 3 -19.24 28.43 -0.82
CA ASN A 3 -19.01 29.55 -1.70
C ASN A 3 -17.99 29.11 -2.74
N ILE A 4 -18.48 28.38 -3.73
CA ILE A 4 -17.60 27.75 -4.71
C ILE A 4 -16.83 28.81 -5.49
N ASP A 5 -17.46 29.94 -5.76
CA ASP A 5 -16.77 30.97 -6.51
C ASP A 5 -15.59 31.51 -5.72
N SER A 6 -15.81 31.77 -4.44
CA SER A 6 -14.75 32.26 -3.57
C SER A 6 -13.58 31.29 -3.49
N ILE A 7 -13.89 30.01 -3.38
CA ILE A 7 -12.85 28.99 -3.29
C ILE A 7 -12.04 28.95 -4.58
N ILE A 8 -12.71 28.95 -5.73
CA ILE A 8 -12.00 28.89 -7.00
C ILE A 8 -11.14 30.14 -7.20
N GLN A 9 -11.69 31.32 -6.91
CA GLN A 9 -10.92 32.56 -7.02
C GLN A 9 -9.62 32.49 -6.21
N ARG A 10 -9.70 31.96 -5.00
CA ARG A 10 -8.51 31.87 -4.15
C ARG A 10 -7.50 30.84 -4.65
N LEU A 11 -7.99 29.75 -5.22
CA LEU A 11 -7.10 28.74 -5.80
C LEU A 11 -6.39 29.30 -7.04
N LEU A 12 -7.08 30.10 -7.84
CA LEU A 12 -6.50 30.63 -9.07
C LEU A 12 -5.62 31.85 -8.85
N GLU A 13 -5.71 32.48 -7.69
CA GLU A 13 -5.04 33.76 -7.59
C GLU A 13 -3.53 33.63 -7.45
N VAL A 14 -3.05 32.41 -7.23
CA VAL A 14 -1.61 32.17 -7.15
C VAL A 14 -0.94 32.00 -8.53
N ARG A 15 -1.72 32.01 -9.61
CA ARG A 15 -1.12 32.01 -10.95
C ARG A 15 -0.10 33.15 -11.10
N GLY A 16 1.09 32.82 -11.59
CA GLY A 16 2.11 33.82 -11.81
C GLY A 16 3.08 33.97 -10.64
N SER A 17 2.73 33.42 -9.48
N SER A 17 2.72 33.40 -9.49
CA SER A 17 3.63 33.47 -8.35
CA SER A 17 3.60 33.42 -8.33
C SER A 17 4.75 32.45 -8.52
C SER A 17 4.76 32.45 -8.53
N LYS A 18 5.81 32.60 -7.73
CA LYS A 18 6.91 31.64 -7.74
C LYS A 18 6.37 30.25 -7.39
N PRO A 19 6.57 29.27 -8.30
CA PRO A 19 5.98 27.93 -8.17
C PRO A 19 6.27 27.28 -6.82
N GLY A 20 5.21 26.84 -6.15
CA GLY A 20 5.33 26.29 -4.81
C GLY A 20 4.46 27.03 -3.82
N LYS A 21 4.05 28.24 -4.19
CA LYS A 21 3.18 29.04 -3.31
C LYS A 21 1.85 28.33 -3.03
N ASN A 22 1.51 28.23 -1.74
CA ASN A 22 0.34 27.49 -1.29
C ASN A 22 -0.94 28.30 -1.25
N VAL A 23 -2.06 27.61 -1.36
CA VAL A 23 -3.35 28.18 -1.05
C VAL A 23 -3.83 27.52 0.22
N GLN A 24 -4.17 28.32 1.23
CA GLN A 24 -4.63 27.71 2.47
C GLN A 24 -6.13 27.97 2.64
N LEU A 25 -6.91 27.12 1.98
CA LEU A 25 -8.35 27.10 2.20
C LEU A 25 -8.66 26.73 3.65
N GLN A 26 -9.87 27.05 4.10
CA GLN A 26 -10.28 26.60 5.41
C GLN A 26 -10.60 25.12 5.38
N GLU A 27 -10.31 24.45 6.49
CA GLU A 27 -10.60 23.02 6.62
C GLU A 27 -12.05 22.72 6.26
N ASN A 28 -12.98 23.53 6.76
CA ASN A 28 -14.40 23.32 6.49
C ASN A 28 -14.74 23.47 5.01
N GLU A 29 -14.02 24.34 4.32
CA GLU A 29 -14.21 24.49 2.88
C GLU A 29 -13.76 23.25 2.11
N ILE A 30 -12.63 22.69 2.51
CA ILE A 30 -12.13 21.49 1.85
C ILE A 30 -13.08 20.31 2.12
N ARG A 31 -13.53 20.21 3.36
N ARG A 31 -13.56 20.19 3.36
CA ARG A 31 -14.52 19.19 3.73
CA ARG A 31 -14.51 19.14 3.68
C ARG A 31 -15.78 19.34 2.88
C ARG A 31 -15.79 19.34 2.86
N GLY A 32 -16.21 20.58 2.71
CA GLY A 32 -17.37 20.89 1.88
C GLY A 32 -17.21 20.44 0.44
N LEU A 33 -16.03 20.67 -0.13
CA LEU A 33 -15.76 20.20 -1.49
C LEU A 33 -15.94 18.68 -1.58
N CYS A 34 -15.42 17.97 -0.58
CA CYS A 34 -15.53 16.51 -0.55
C CYS A 34 -16.96 16.04 -0.43
N LEU A 35 -17.71 16.63 0.50
CA LEU A 35 -19.09 16.22 0.73
C LEU A 35 -19.96 16.49 -0.51
N LYS A 36 -19.82 17.67 -1.10
CA LYS A 36 -20.68 18.04 -2.23
C LYS A 36 -20.27 17.29 -3.50
N SER A 37 -18.97 17.14 -3.73
CA SER A 37 -18.57 16.38 -4.92
C SER A 37 -18.99 14.92 -4.81
N ARG A 38 -18.91 14.33 -3.62
CA ARG A 38 -19.38 12.95 -3.45
C ARG A 38 -20.83 12.78 -3.89
N GLU A 39 -21.70 13.71 -3.48
CA GLU A 39 -23.10 13.69 -3.92
C GLU A 39 -23.20 13.67 -5.43
N ILE A 40 -22.39 14.51 -6.08
CA ILE A 40 -22.46 14.65 -7.52
C ILE A 40 -21.95 13.39 -8.19
N PHE A 41 -20.83 12.85 -7.70
CA PHE A 41 -20.29 11.61 -8.26
C PHE A 41 -21.31 10.49 -8.18
N LEU A 42 -21.97 10.35 -7.03
CA LEU A 42 -22.92 9.26 -6.87
C LEU A 42 -24.17 9.44 -7.71
N SER A 43 -24.55 10.69 -7.97
CA SER A 43 -25.71 11.00 -8.78
C SER A 43 -25.46 10.75 -10.28
N GLN A 44 -24.19 10.76 -10.68
CA GLN A 44 -23.83 10.55 -12.10
C GLN A 44 -23.43 9.09 -12.30
N PRO A 45 -23.45 8.61 -13.55
CA PRO A 45 -23.06 7.20 -13.78
C PRO A 45 -21.63 6.90 -13.36
N ILE A 46 -21.39 5.64 -13.02
CA ILE A 46 -20.03 5.18 -12.75
C ILE A 46 -19.26 4.96 -14.06
N LEU A 47 -20.01 4.76 -15.15
CA LEU A 47 -19.46 4.70 -16.51
C LEU A 47 -20.02 5.89 -17.27
N LEU A 48 -19.20 6.94 -17.41
CA LEU A 48 -19.69 8.18 -17.99
C LEU A 48 -19.93 8.05 -19.47
N GLU A 49 -20.95 8.76 -19.95
CA GLU A 49 -21.23 8.87 -21.38
C GLU A 49 -21.10 10.34 -21.80
N LEU A 50 -19.98 10.64 -22.47
CA LEU A 50 -19.60 12.03 -22.72
C LEU A 50 -19.68 12.37 -24.18
N GLU A 51 -19.92 13.64 -24.45
CA GLU A 51 -19.99 14.13 -25.82
C GLU A 51 -18.84 15.07 -26.10
N ALA A 52 -18.18 14.87 -27.23
CA ALA A 52 -17.14 15.79 -27.69
C ALA A 52 -17.81 17.07 -28.19
N PRO A 53 -17.08 18.21 -28.23
CA PRO A 53 -15.65 18.40 -27.94
C PRO A 53 -15.32 18.36 -26.46
N LEU A 54 -14.11 17.91 -26.16
CA LEU A 54 -13.60 18.00 -24.81
C LEU A 54 -12.10 17.79 -24.82
N LYS A 55 -11.46 18.11 -23.72
CA LYS A 55 -10.02 17.89 -23.59
C LYS A 55 -9.78 16.84 -22.52
N ILE A 56 -8.88 15.91 -22.83
CA ILE A 56 -8.59 14.80 -21.93
C ILE A 56 -7.17 14.90 -21.40
N CYS A 57 -7.04 14.76 -20.08
CA CYS A 57 -5.74 14.84 -19.41
C CYS A 57 -5.44 13.60 -18.61
N GLY A 58 -4.17 13.24 -18.55
CA GLY A 58 -3.71 12.14 -17.72
C GLY A 58 -3.21 12.60 -16.36
N ASP A 59 -2.29 11.81 -15.78
CA ASP A 59 -1.85 12.01 -14.38
C ASP A 59 -1.38 13.43 -14.11
N ILE A 60 -1.74 13.95 -12.93
CA ILE A 60 -1.28 15.26 -12.46
C ILE A 60 -0.34 15.14 -11.25
N HIS A 61 -0.66 14.22 -10.35
CA HIS A 61 0.19 13.94 -9.19
C HIS A 61 0.64 15.18 -8.43
N GLY A 62 -0.32 16.03 -8.09
CA GLY A 62 -0.03 17.13 -7.20
C GLY A 62 0.84 18.23 -7.77
N GLN A 63 1.07 18.21 -9.08
CA GLN A 63 1.89 19.26 -9.71
C GLN A 63 0.96 20.41 -10.08
N TYR A 64 0.59 21.19 -9.06
CA TYR A 64 -0.46 22.20 -9.18
C TYR A 64 -0.19 23.28 -10.22
N TYR A 65 1.05 23.76 -10.28
CA TYR A 65 1.32 24.84 -11.21
C TYR A 65 1.34 24.32 -12.64
N ASP A 66 1.59 23.02 -12.82
CA ASP A 66 1.44 22.41 -14.14
C ASP A 66 -0.04 22.24 -14.53
N LEU A 67 -0.88 21.90 -13.56
CA LEU A 67 -2.33 21.89 -13.80
C LEU A 67 -2.81 23.29 -14.21
N LEU A 68 -2.32 24.32 -13.53
CA LEU A 68 -2.72 25.68 -13.91
C LEU A 68 -2.32 25.99 -15.35
N ARG A 69 -1.13 25.57 -15.76
CA ARG A 69 -0.67 25.78 -17.13
C ARG A 69 -1.54 25.01 -18.15
N LEU A 70 -1.95 23.80 -17.79
CA LEU A 70 -2.88 23.06 -18.65
C LEU A 70 -4.14 23.90 -18.93
N PHE A 71 -4.72 24.45 -17.87
CA PHE A 71 -5.92 25.27 -18.05
C PHE A 71 -5.61 26.56 -18.81
N GLU A 72 -4.44 27.14 -18.58
CA GLU A 72 -4.05 28.36 -19.28
C GLU A 72 -4.00 28.15 -20.80
N TYR A 73 -3.54 26.97 -21.22
CA TYR A 73 -3.46 26.66 -22.65
C TYR A 73 -4.72 26.03 -23.20
N GLY A 74 -5.43 25.27 -22.36
CA GLY A 74 -6.62 24.57 -22.80
C GLY A 74 -7.87 25.41 -22.71
N GLY A 75 -7.84 26.41 -21.83
CA GLY A 75 -9.00 27.24 -21.54
C GLY A 75 -9.59 26.86 -20.20
N PHE A 76 -9.84 27.85 -19.34
CA PHE A 76 -10.44 27.57 -18.02
C PHE A 76 -11.90 27.19 -18.14
N PRO A 77 -12.33 26.24 -17.32
CA PRO A 77 -13.75 25.84 -17.34
C PRO A 77 -14.65 27.06 -17.17
N PRO A 78 -15.77 27.13 -17.90
CA PRO A 78 -16.29 26.13 -18.83
C PRO A 78 -15.99 26.48 -20.28
N GLU A 79 -14.91 27.21 -20.55
CA GLU A 79 -14.53 27.54 -21.93
C GLU A 79 -14.32 26.27 -22.74
N SER A 80 -13.78 25.26 -22.08
CA SER A 80 -13.59 23.93 -22.63
C SER A 80 -14.12 22.91 -21.66
N ASN A 81 -14.61 21.78 -22.19
CA ASN A 81 -14.97 20.64 -21.35
C ASN A 81 -13.74 19.81 -21.05
N TYR A 82 -13.66 19.24 -19.86
CA TYR A 82 -12.52 18.41 -19.46
C TYR A 82 -12.91 17.04 -18.94
N LEU A 83 -12.08 16.05 -19.29
CA LEU A 83 -12.07 14.75 -18.66
C LEU A 83 -10.66 14.48 -18.16
N PHE A 84 -10.53 14.26 -16.86
CA PHE A 84 -9.24 13.84 -16.29
C PHE A 84 -9.30 12.36 -15.98
N LEU A 85 -8.18 11.67 -16.15
CA LEU A 85 -8.17 10.20 -16.06
C LEU A 85 -7.66 9.63 -14.73
N GLY A 86 -7.52 10.49 -13.71
CA GLY A 86 -7.11 10.03 -12.39
C GLY A 86 -5.70 10.42 -11.95
N ASP A 87 -5.32 9.98 -10.76
CA ASP A 87 -3.98 10.23 -10.18
C ASP A 87 -3.74 11.73 -10.05
N TYR A 88 -4.55 12.31 -9.18
CA TYR A 88 -4.51 13.75 -8.87
C TYR A 88 -3.55 14.05 -7.75
N VAL A 89 -3.34 13.06 -6.89
CA VAL A 89 -2.56 13.24 -5.66
C VAL A 89 -1.32 12.32 -5.64
N ASP A 90 -0.49 12.51 -4.62
CA ASP A 90 0.80 11.82 -4.39
C ASP A 90 1.94 12.32 -5.25
N ARG A 91 3.14 12.18 -4.71
CA ARG A 91 4.44 12.44 -5.37
C ARG A 91 4.76 13.92 -5.50
N GLY A 92 3.84 14.71 -6.04
CA GLY A 92 4.04 16.13 -6.16
C GLY A 92 3.91 16.84 -4.82
N LYS A 93 4.12 18.15 -4.84
CA LYS A 93 4.22 18.90 -3.59
C LYS A 93 2.92 19.60 -3.20
N GLN A 94 1.95 19.63 -4.10
CA GLN A 94 0.70 20.37 -3.85
C GLN A 94 -0.53 19.58 -4.27
N SER A 95 -0.64 18.37 -3.73
CA SER A 95 -1.80 17.52 -3.99
C SER A 95 -3.08 18.20 -3.51
N LEU A 96 -3.02 18.90 -2.37
CA LEU A 96 -4.24 19.52 -1.84
C LEU A 96 -4.82 20.57 -2.78
N GLU A 97 -3.98 21.50 -3.24
CA GLU A 97 -4.45 22.53 -4.17
C GLU A 97 -4.99 21.89 -5.45
N THR A 98 -4.29 20.88 -5.94
CA THR A 98 -4.69 20.17 -7.15
C THR A 98 -6.07 19.53 -7.01
N ILE A 99 -6.28 18.71 -5.99
CA ILE A 99 -7.57 18.04 -5.89
C ILE A 99 -8.66 19.04 -5.53
N CYS A 100 -8.34 20.07 -4.75
CA CYS A 100 -9.36 21.07 -4.42
C CYS A 100 -9.85 21.84 -5.64
N LEU A 101 -8.96 22.23 -6.55
CA LEU A 101 -9.41 22.92 -7.75
C LEU A 101 -10.26 22.01 -8.63
N LEU A 102 -9.82 20.76 -8.78
CA LEU A 102 -10.57 19.83 -9.60
C LEU A 102 -11.96 19.54 -9.02
N LEU A 103 -12.04 19.32 -7.71
CA LEU A 103 -13.34 19.10 -7.10
C LEU A 103 -14.22 20.35 -7.19
N ALA A 104 -13.61 21.52 -7.01
CA ALA A 104 -14.38 22.77 -7.11
C ALA A 104 -14.98 22.94 -8.50
N TYR A 105 -14.21 22.68 -9.56
CA TYR A 105 -14.75 22.77 -10.92
C TYR A 105 -15.82 21.71 -11.19
N LYS A 106 -15.65 20.51 -10.61
CA LYS A 106 -16.68 19.49 -10.74
C LYS A 106 -18.00 19.96 -10.14
N ILE A 107 -17.92 20.63 -8.99
CA ILE A 107 -19.12 21.15 -8.34
C ILE A 107 -19.75 22.32 -9.11
N LYS A 108 -18.93 23.20 -9.64
CA LYS A 108 -19.46 24.36 -10.34
C LYS A 108 -20.01 24.00 -11.71
N TYR A 109 -19.34 23.10 -12.42
CA TYR A 109 -19.73 22.75 -13.79
C TYR A 109 -19.85 21.23 -13.96
N PRO A 110 -20.83 20.61 -13.27
CA PRO A 110 -20.88 19.15 -13.18
C PRO A 110 -21.17 18.45 -14.49
N GLU A 111 -21.70 19.15 -15.50
CA GLU A 111 -21.88 18.48 -16.79
C GLU A 111 -20.88 18.96 -17.85
N ASN A 112 -19.87 19.71 -17.42
CA ASN A 112 -18.82 20.20 -18.33
C ASN A 112 -17.43 19.74 -17.88
N PHE A 113 -17.39 19.04 -16.76
CA PHE A 113 -16.11 18.76 -16.10
C PHE A 113 -16.19 17.41 -15.45
N PHE A 114 -15.22 16.54 -15.75
CA PHE A 114 -15.30 15.15 -15.32
C PHE A 114 -13.97 14.62 -14.82
N LEU A 115 -14.08 13.82 -13.75
CA LEU A 115 -12.93 13.22 -13.08
C LEU A 115 -13.12 11.72 -12.94
N LEU A 116 -12.16 10.94 -13.43
CA LEU A 116 -12.15 9.51 -13.16
C LEU A 116 -11.23 9.16 -12.01
N ARG A 117 -11.43 7.96 -11.50
CA ARG A 117 -10.59 7.46 -10.43
C ARG A 117 -9.28 6.88 -10.95
N GLY A 118 -8.16 7.25 -10.35
CA GLY A 118 -6.90 6.58 -10.65
C GLY A 118 -6.48 5.67 -9.49
N ASN A 119 -5.37 4.95 -9.65
CA ASN A 119 -4.99 4.03 -8.58
C ASN A 119 -4.45 4.77 -7.35
N HIS A 120 -4.11 6.03 -7.50
CA HIS A 120 -3.68 6.80 -6.32
C HIS A 120 -4.85 7.41 -5.57
N GLU A 121 -6.07 7.32 -6.12
CA GLU A 121 -7.25 7.78 -5.37
C GLU A 121 -7.77 6.59 -4.58
N CYS A 122 -6.88 6.07 -3.75
N CYS A 122 -6.84 5.99 -3.84
CA CYS A 122 -7.10 4.87 -2.97
CA CYS A 122 -7.10 4.85 -2.97
C CYS A 122 -6.25 4.99 -1.71
C CYS A 122 -6.29 5.09 -1.71
N ALA A 123 -6.87 4.79 -0.55
CA ALA A 123 -6.21 5.07 0.72
C ALA A 123 -4.95 4.23 0.92
N SER A 124 -4.96 2.98 0.48
CA SER A 124 -3.81 2.12 0.75
C SER A 124 -2.58 2.63 0.00
N ILE A 125 -2.82 3.35 -1.09
CA ILE A 125 -1.74 3.90 -1.90
C ILE A 125 -1.37 5.31 -1.45
N ASN A 126 -2.35 6.20 -1.33
CA ASN A 126 -1.98 7.58 -1.03
C ASN A 126 -1.69 7.83 0.44
N ARG A 127 -1.88 6.81 1.29
CA ARG A 127 -1.38 6.88 2.66
C ARG A 127 0.14 6.94 2.63
N ILE A 128 0.72 6.27 1.65
CA ILE A 128 2.16 6.06 1.58
C ILE A 128 2.91 7.05 0.70
N TYR A 129 2.30 7.41 -0.44
CA TYR A 129 3.04 8.14 -1.48
C TYR A 129 2.87 9.66 -1.43
N GLY A 130 2.34 10.16 -0.32
CA GLY A 130 2.48 11.58 -0.04
C GLY A 130 1.24 12.32 0.40
N PHE A 131 0.06 11.88 -0.02
CA PHE A 131 -1.14 12.66 0.22
C PHE A 131 -1.51 12.70 1.68
N TYR A 132 -1.46 11.55 2.35
CA TYR A 132 -1.75 11.51 3.77
C TYR A 132 -0.81 12.41 4.55
N ASP A 133 0.47 12.39 4.20
CA ASP A 133 1.45 13.26 4.86
C ASP A 133 1.13 14.73 4.65
N GLU A 134 0.72 15.09 3.44
CA GLU A 134 0.41 16.48 3.15
C GLU A 134 -0.82 16.92 3.97
N CYS A 135 -1.82 16.04 4.04
CA CYS A 135 -3.04 16.32 4.81
C CYS A 135 -2.75 16.51 6.29
N LYS A 136 -1.97 15.60 6.86
CA LYS A 136 -1.66 15.63 8.29
C LYS A 136 -0.81 16.87 8.64
N ARG A 137 0.10 17.22 7.74
CA ARG A 137 0.98 18.37 7.95
C ARG A 137 0.22 19.69 7.93
N ARG A 138 -0.64 19.85 6.94
CA ARG A 138 -1.31 21.13 6.70
C ARG A 138 -2.67 21.26 7.36
N TYR A 139 -3.31 20.11 7.61
CA TYR A 139 -4.61 20.09 8.28
C TYR A 139 -4.62 19.03 9.37
N ASN A 140 -5.30 17.90 9.14
CA ASN A 140 -5.31 16.79 10.11
C ASN A 140 -5.67 15.45 9.47
N ILE A 141 -5.55 14.38 10.26
CA ILE A 141 -5.85 13.02 9.80
C ILE A 141 -7.28 12.90 9.32
N LYS A 142 -8.19 13.55 10.03
CA LYS A 142 -9.61 13.50 9.74
C LYS A 142 -9.93 13.98 8.33
N LEU A 143 -9.21 14.99 7.86
CA LEU A 143 -9.46 15.52 6.53
C LEU A 143 -9.04 14.48 5.48
N TRP A 144 -7.94 13.79 5.72
CA TRP A 144 -7.52 12.73 4.81
C TRP A 144 -8.58 11.62 4.71
N LYS A 145 -9.19 11.28 5.83
CA LYS A 145 -10.22 10.24 5.83
C LYS A 145 -11.44 10.72 5.06
N THR A 146 -11.70 12.03 5.13
CA THR A 146 -12.79 12.63 4.38
C THR A 146 -12.52 12.55 2.87
N PHE A 147 -11.29 12.83 2.43
CA PHE A 147 -10.93 12.65 1.03
C PHE A 147 -11.11 11.19 0.60
N THR A 148 -10.75 10.25 1.46
CA THR A 148 -10.87 8.85 1.12
C THR A 148 -12.31 8.48 0.81
N ASP A 149 -13.23 8.94 1.64
CA ASP A 149 -14.64 8.64 1.43
C ASP A 149 -15.15 9.27 0.12
N CYS A 150 -14.62 10.44 -0.24
CA CYS A 150 -14.94 11.09 -1.50
C CYS A 150 -14.38 10.28 -2.69
N PHE A 151 -13.09 9.94 -2.62
CA PHE A 151 -12.44 9.18 -3.70
C PHE A 151 -13.11 7.84 -3.96
N ASN A 152 -13.64 7.23 -2.91
CA ASN A 152 -14.33 5.96 -3.05
C ASN A 152 -15.59 6.04 -3.91
N CYS A 153 -16.01 7.25 -4.25
CA CYS A 153 -17.20 7.44 -5.07
C CYS A 153 -16.91 7.93 -6.48
N LEU A 154 -15.63 8.09 -6.86
CA LEU A 154 -15.30 8.56 -8.21
C LEU A 154 -15.77 7.55 -9.26
N PRO A 155 -16.18 8.06 -10.43
CA PRO A 155 -16.49 7.10 -11.50
C PRO A 155 -15.22 6.46 -12.05
N ILE A 156 -15.38 5.39 -12.79
CA ILE A 156 -14.28 4.47 -13.10
C ILE A 156 -13.86 4.55 -14.57
N ALA A 157 -14.80 4.87 -15.45
CA ALA A 157 -14.49 4.94 -16.86
C ALA A 157 -15.45 5.86 -17.60
N ALA A 158 -15.11 6.19 -18.83
CA ALA A 158 -15.95 7.05 -19.65
C ALA A 158 -15.89 6.61 -21.09
N ILE A 159 -16.99 6.78 -21.81
CA ILE A 159 -17.00 6.54 -23.23
C ILE A 159 -17.37 7.84 -23.92
N VAL A 160 -16.51 8.31 -24.81
CA VAL A 160 -16.78 9.56 -25.52
C VAL A 160 -17.41 9.26 -26.88
N ASP A 161 -18.63 9.75 -27.08
CA ASP A 161 -19.41 9.56 -28.32
C ASP A 161 -19.41 8.13 -28.84
N GLU A 162 -19.54 7.18 -27.91
CA GLU A 162 -19.63 5.76 -28.22
C GLU A 162 -18.40 5.19 -28.94
N LYS A 163 -17.29 5.92 -28.95
CA LYS A 163 -16.13 5.50 -29.73
C LYS A 163 -14.80 5.50 -28.98
N ILE A 164 -14.66 6.34 -27.96
CA ILE A 164 -13.43 6.37 -27.18
C ILE A 164 -13.67 5.91 -25.76
N PHE A 165 -13.04 4.78 -25.39
CA PHE A 165 -13.15 4.22 -24.05
C PHE A 165 -11.99 4.74 -23.21
N CYS A 166 -12.32 5.35 -22.07
CA CYS A 166 -11.34 6.02 -21.22
C CYS A 166 -11.30 5.42 -19.83
N CYS A 167 -10.11 5.10 -19.34
CA CYS A 167 -9.96 4.72 -17.95
C CYS A 167 -8.52 5.01 -17.54
N HIS A 168 -8.23 4.88 -16.25
CA HIS A 168 -6.89 5.25 -15.80
C HIS A 168 -5.83 4.22 -16.24
N GLY A 169 -6.10 2.95 -15.95
CA GLY A 169 -5.12 1.90 -16.16
C GLY A 169 -5.33 1.23 -17.51
N GLY A 170 -6.22 0.26 -17.58
CA GLY A 170 -6.42 -0.40 -18.85
C GLY A 170 -7.49 -1.47 -18.82
N LEU A 171 -7.32 -2.42 -19.72
CA LEU A 171 -8.32 -3.47 -19.91
C LEU A 171 -8.24 -4.55 -18.83
N SER A 172 -9.23 -5.42 -18.81
CA SER A 172 -9.32 -6.48 -17.80
C SER A 172 -9.69 -7.78 -18.50
N PRO A 173 -9.03 -8.90 -18.14
CA PRO A 173 -9.46 -10.16 -18.76
C PRO A 173 -10.86 -10.57 -18.31
N ASP A 174 -11.33 -9.92 -17.25
CA ASP A 174 -12.63 -10.20 -16.68
C ASP A 174 -13.77 -9.46 -17.39
N LEU A 175 -13.43 -8.46 -18.20
CA LEU A 175 -14.41 -7.51 -18.75
C LEU A 175 -15.01 -8.00 -20.07
N GLN A 176 -16.30 -8.33 -20.06
CA GLN A 176 -16.98 -8.81 -21.25
C GLN A 176 -18.08 -7.85 -21.71
N SER A 177 -18.75 -7.22 -20.76
CA SER A 177 -19.78 -6.24 -21.06
C SER A 177 -19.56 -4.98 -20.24
N MET A 178 -19.84 -3.83 -20.83
CA MET A 178 -19.74 -2.57 -20.08
C MET A 178 -20.67 -2.60 -18.88
N GLU A 179 -21.71 -3.42 -18.97
CA GLU A 179 -22.66 -3.56 -17.88
C GLU A 179 -21.96 -3.97 -16.58
N GLN A 180 -20.87 -4.72 -16.69
CA GLN A 180 -20.09 -5.12 -15.51
C GLN A 180 -19.54 -3.91 -14.75
N ILE A 181 -19.12 -2.90 -15.50
CA ILE A 181 -18.65 -1.66 -14.87
C ILE A 181 -19.83 -0.92 -14.24
N ARG A 182 -20.95 -0.88 -14.96
CA ARG A 182 -22.12 -0.17 -14.48
C ARG A 182 -22.65 -0.74 -13.18
N ARG A 183 -22.43 -2.03 -12.98
CA ARG A 183 -22.97 -2.71 -11.80
C ARG A 183 -22.03 -2.66 -10.59
N ILE A 184 -20.89 -1.99 -10.73
CA ILE A 184 -20.01 -1.79 -9.59
C ILE A 184 -20.66 -0.77 -8.69
N MET A 185 -20.84 -1.11 -7.41
CA MET A 185 -21.54 -0.24 -6.48
C MET A 185 -20.55 0.69 -5.79
N ARG A 186 -20.99 1.91 -5.52
CA ARG A 186 -20.15 2.87 -4.82
C ARG A 186 -20.87 3.29 -3.54
N PRO A 187 -20.11 3.67 -2.51
CA PRO A 187 -18.65 3.73 -2.39
C PRO A 187 -17.98 2.36 -2.39
N THR A 188 -16.76 2.33 -2.89
CA THR A 188 -15.99 1.12 -2.83
C THR A 188 -14.51 1.46 -2.74
N ASP A 189 -13.78 0.60 -2.06
CA ASP A 189 -12.32 0.63 -2.13
C ASP A 189 -11.91 -0.08 -3.41
N VAL A 190 -10.65 0.03 -3.76
CA VAL A 190 -10.15 -0.72 -4.90
C VAL A 190 -9.56 -2.02 -4.39
N PRO A 191 -10.07 -3.15 -4.89
CA PRO A 191 -9.62 -4.48 -4.48
C PRO A 191 -8.21 -4.79 -5.00
N ASP A 192 -7.55 -5.76 -4.38
CA ASP A 192 -6.19 -6.13 -4.75
C ASP A 192 -6.13 -6.86 -6.09
N GLN A 193 -7.28 -7.35 -6.54
CA GLN A 193 -7.38 -7.98 -7.85
C GLN A 193 -8.81 -7.88 -8.38
N GLY A 194 -9.00 -8.16 -9.66
CA GLY A 194 -10.31 -8.15 -10.26
C GLY A 194 -10.56 -6.98 -11.21
N LEU A 195 -11.80 -6.87 -11.67
CA LEU A 195 -12.17 -5.88 -12.70
C LEU A 195 -11.79 -4.45 -12.35
N LEU A 196 -12.21 -4.00 -11.18
CA LEU A 196 -11.96 -2.62 -10.78
C LEU A 196 -10.46 -2.36 -10.65
N CYS A 197 -9.74 -3.31 -10.06
CA CYS A 197 -8.30 -3.21 -9.96
C CYS A 197 -7.66 -3.06 -11.34
N ASP A 198 -8.01 -3.96 -12.26
CA ASP A 198 -7.45 -3.91 -13.60
C ASP A 198 -7.70 -2.57 -14.31
N LEU A 199 -8.91 -2.02 -14.17
CA LEU A 199 -9.24 -0.78 -14.85
C LEU A 199 -8.38 0.37 -14.38
N LEU A 200 -7.89 0.27 -13.14
CA LEU A 200 -7.02 1.30 -12.56
C LEU A 200 -5.54 0.98 -12.62
N TRP A 201 -5.16 -0.27 -12.91
CA TRP A 201 -3.76 -0.69 -12.77
C TRP A 201 -3.09 -1.31 -14.00
N SER A 202 -3.85 -1.84 -14.95
CA SER A 202 -3.21 -2.65 -15.99
C SER A 202 -2.49 -1.78 -17.03
N ASP A 203 -1.58 -2.41 -17.78
CA ASP A 203 -0.76 -1.71 -18.78
C ASP A 203 -0.73 -2.46 -20.10
N PRO A 204 -0.67 -1.73 -21.22
CA PRO A 204 -0.34 -2.36 -22.49
C PRO A 204 1.14 -2.73 -22.51
N ASP A 205 1.46 -3.80 -23.23
CA ASP A 205 2.85 -4.22 -23.39
C ASP A 205 3.04 -4.77 -24.79
N LYS A 206 4.02 -4.25 -25.53
CA LYS A 206 4.23 -4.69 -26.90
C LYS A 206 4.81 -6.11 -27.00
N ASP A 207 5.34 -6.62 -25.89
CA ASP A 207 6.01 -7.91 -25.91
C ASP A 207 5.16 -9.06 -25.36
N VAL A 208 3.92 -8.77 -24.97
CA VAL A 208 3.05 -9.82 -24.46
C VAL A 208 2.04 -10.24 -25.54
N LEU A 209 1.77 -11.53 -25.59
CA LEU A 209 0.70 -12.07 -26.42
C LEU A 209 -0.39 -12.56 -25.48
N GLY A 210 -1.54 -11.90 -25.55
CA GLY A 210 -2.60 -12.12 -24.57
C GLY A 210 -2.39 -11.30 -23.31
N TRP A 211 -2.47 -11.99 -22.17
CA TRP A 211 -2.30 -11.37 -20.86
C TRP A 211 -1.02 -11.85 -20.19
N GLY A 212 -0.40 -10.97 -19.42
CA GLY A 212 0.78 -11.33 -18.67
C GLY A 212 0.74 -10.73 -17.28
N GLU A 213 1.62 -11.22 -16.42
CA GLU A 213 1.77 -10.67 -15.08
C GLU A 213 2.49 -9.32 -15.17
N ASN A 214 1.92 -8.31 -14.53
CA ASN A 214 2.47 -6.97 -14.59
C ASN A 214 3.66 -6.81 -13.64
N ASP A 215 4.76 -6.25 -14.15
CA ASP A 215 5.96 -5.97 -13.35
C ASP A 215 5.72 -5.08 -12.13
N ARG A 216 4.63 -4.32 -12.15
CA ARG A 216 4.24 -3.50 -11.00
C ARG A 216 3.96 -4.36 -9.78
N GLY A 217 3.56 -5.61 -9.99
CA GLY A 217 3.17 -6.45 -8.89
C GLY A 217 1.68 -6.45 -8.63
N VAL A 218 0.95 -5.66 -9.42
CA VAL A 218 -0.50 -5.57 -9.37
C VAL A 218 -1.05 -5.75 -10.78
N SER A 219 -2.12 -6.54 -10.91
CA SER A 219 -2.84 -6.66 -12.19
C SER A 219 -1.97 -7.24 -13.31
N PHE A 220 -2.28 -6.85 -14.54
CA PHE A 220 -1.79 -7.53 -15.74
C PHE A 220 -1.20 -6.57 -16.77
N THR A 221 -0.47 -7.14 -17.73
CA THR A 221 -0.21 -6.50 -19.01
C THR A 221 -1.11 -7.13 -20.05
N PHE A 222 -1.38 -6.38 -21.12
CA PHE A 222 -2.15 -6.94 -22.23
C PHE A 222 -1.53 -6.48 -23.54
N GLY A 223 -1.69 -7.30 -24.58
CA GLY A 223 -1.05 -7.02 -25.84
C GLY A 223 -1.95 -6.36 -26.88
N ALA A 224 -1.38 -6.16 -28.06
CA ALA A 224 -2.06 -5.42 -29.11
C ALA A 224 -3.29 -6.12 -29.68
N GLU A 225 -3.29 -7.46 -29.69
CA GLU A 225 -4.46 -8.14 -30.21
C GLU A 225 -5.63 -8.10 -29.20
N VAL A 226 -5.31 -8.08 -27.90
CA VAL A 226 -6.34 -7.90 -26.89
C VAL A 226 -7.08 -6.59 -27.12
N VAL A 227 -6.31 -5.55 -27.43
CA VAL A 227 -6.85 -4.24 -27.73
C VAL A 227 -7.74 -4.29 -28.97
N ALA A 228 -7.23 -4.91 -30.04
CA ALA A 228 -8.01 -4.99 -31.27
C ALA A 228 -9.34 -5.71 -31.05
N LYS A 229 -9.31 -6.82 -30.32
CA LYS A 229 -10.52 -7.60 -30.09
C LYS A 229 -11.52 -6.80 -29.26
N PHE A 230 -11.00 -6.07 -28.28
CA PHE A 230 -11.84 -5.23 -27.41
C PHE A 230 -12.56 -4.17 -28.25
N LEU A 231 -11.80 -3.48 -29.09
CA LEU A 231 -12.38 -2.44 -29.93
C LEU A 231 -13.44 -3.02 -30.85
N HIS A 232 -13.19 -4.21 -31.41
CA HIS A 232 -14.17 -4.77 -32.33
C HIS A 232 -15.43 -5.25 -31.62
N LYS A 233 -15.28 -5.86 -30.45
CA LYS A 233 -16.44 -6.38 -29.74
C LYS A 233 -17.38 -5.27 -29.28
N HIS A 234 -16.82 -4.14 -28.90
CA HIS A 234 -17.62 -3.05 -28.34
C HIS A 234 -17.85 -1.90 -29.32
N ASP A 235 -17.43 -2.09 -30.57
CA ASP A 235 -17.65 -1.10 -31.62
C ASP A 235 -17.00 0.23 -31.26
N LEU A 236 -15.79 0.16 -30.74
CA LEU A 236 -15.00 1.34 -30.38
C LEU A 236 -13.85 1.60 -31.36
N ASP A 237 -13.35 2.84 -31.36
CA ASP A 237 -12.23 3.22 -32.22
C ASP A 237 -10.92 3.36 -31.45
N LEU A 238 -10.99 3.70 -30.17
CA LEU A 238 -9.80 4.10 -29.41
C LEU A 238 -9.93 3.80 -27.92
N ILE A 239 -8.86 3.31 -27.32
CA ILE A 239 -8.75 3.27 -25.86
C ILE A 239 -7.86 4.42 -25.46
N CYS A 240 -8.31 5.23 -24.49
CA CYS A 240 -7.55 6.37 -23.99
C CYS A 240 -7.31 6.16 -22.50
N ARG A 241 -6.05 6.09 -22.10
CA ARG A 241 -5.74 5.78 -20.72
C ARG A 241 -4.51 6.58 -20.28
N ALA A 242 -4.08 6.36 -19.04
CA ALA A 242 -3.01 7.17 -18.47
C ALA A 242 -2.01 6.26 -17.78
N HIS A 243 -1.59 6.60 -16.56
CA HIS A 243 -0.96 5.64 -15.64
C HIS A 243 0.51 5.33 -15.91
N GLN A 244 0.99 5.56 -17.13
CA GLN A 244 2.40 5.34 -17.41
C GLN A 244 3.08 6.63 -17.87
N VAL A 245 4.24 6.92 -17.30
CA VAL A 245 5.03 8.04 -17.76
C VAL A 245 5.54 7.74 -19.17
N VAL A 246 5.29 8.66 -20.08
CA VAL A 246 5.76 8.50 -21.44
C VAL A 246 6.49 9.79 -21.84
N GLU A 247 7.56 9.66 -22.62
CA GLU A 247 8.52 10.75 -22.78
C GLU A 247 7.92 12.00 -23.42
N ASP A 248 6.96 11.80 -24.32
CA ASP A 248 6.39 12.94 -25.05
C ASP A 248 5.02 13.32 -24.50
N GLY A 249 4.65 12.75 -23.36
CA GLY A 249 3.36 13.04 -22.76
C GLY A 249 2.22 12.20 -23.31
N TYR A 250 2.35 11.78 -24.57
CA TYR A 250 1.39 10.86 -25.14
C TYR A 250 2.15 9.81 -25.91
N GLU A 251 1.56 8.63 -26.03
CA GLU A 251 2.22 7.53 -26.72
C GLU A 251 1.17 6.57 -27.25
N PHE A 252 1.25 6.27 -28.54
CA PHE A 252 0.32 5.32 -29.16
C PHE A 252 0.77 3.89 -28.93
N PHE A 253 -0.20 2.99 -28.96
CA PHE A 253 0.03 1.55 -28.85
C PHE A 253 -0.88 0.86 -29.88
N ALA A 254 -0.40 -0.24 -30.45
CA ALA A 254 -1.23 -1.06 -31.35
C ALA A 254 -1.81 -0.28 -32.53
N LYS A 255 -0.94 0.36 -33.31
CA LYS A 255 -1.32 1.12 -34.50
C LYS A 255 -2.41 2.14 -34.19
N ARG A 256 -2.14 2.95 -33.18
CA ARG A 256 -3.02 4.04 -32.73
C ARG A 256 -4.40 3.57 -32.25
N GLN A 257 -4.53 2.31 -31.86
CA GLN A 257 -5.78 1.83 -31.29
C GLN A 257 -5.89 2.16 -29.81
N LEU A 258 -4.76 2.49 -29.21
CA LEU A 258 -4.74 2.91 -27.81
C LEU A 258 -3.78 4.06 -27.66
N VAL A 259 -4.12 5.01 -26.80
CA VAL A 259 -3.18 6.10 -26.51
C VAL A 259 -3.06 6.23 -25.00
N THR A 260 -1.82 6.45 -24.57
CA THR A 260 -1.49 6.77 -23.17
C THR A 260 -1.24 8.26 -23.05
N LEU A 261 -1.88 8.90 -22.08
CA LEU A 261 -1.68 10.32 -21.77
C LEU A 261 -1.14 10.48 -20.36
N PHE A 262 -0.14 11.33 -20.20
CA PHE A 262 0.45 11.60 -18.90
C PHE A 262 0.67 13.10 -18.85
N SER A 263 0.18 13.77 -17.81
CA SER A 263 0.09 15.22 -17.87
C SER A 263 0.92 15.93 -16.81
N ALA A 264 1.86 15.23 -16.21
CA ALA A 264 2.73 15.82 -15.20
C ALA A 264 4.16 15.88 -15.75
N PRO A 265 4.55 17.05 -16.26
CA PRO A 265 5.90 17.19 -16.84
C PRO A 265 6.99 17.01 -15.79
N ASN A 266 8.14 16.51 -16.21
CA ASN A 266 9.27 16.22 -15.32
C ASN A 266 8.82 15.57 -14.02
N TYR A 267 8.11 14.45 -14.17
CA TYR A 267 7.50 13.72 -13.06
C TYR A 267 8.51 13.38 -11.97
N CYS A 268 8.16 13.74 -10.73
CA CYS A 268 9.01 13.55 -9.55
C CYS A 268 10.33 14.31 -9.65
N GLY A 269 10.50 15.09 -10.72
CA GLY A 269 11.76 15.73 -11.00
C GLY A 269 12.83 14.72 -11.39
N GLU A 270 12.39 13.60 -11.96
CA GLU A 270 13.30 12.50 -12.28
C GLU A 270 13.26 12.08 -13.74
N PHE A 271 12.07 12.17 -14.35
CA PHE A 271 11.85 11.54 -15.65
C PHE A 271 12.11 12.44 -16.87
N ASP A 272 12.06 13.75 -16.68
CA ASP A 272 12.28 14.73 -17.76
C ASP A 272 11.30 14.54 -18.93
N ASN A 273 10.12 14.02 -18.61
CA ASN A 273 9.09 13.80 -19.61
C ASN A 273 8.27 15.05 -19.89
N ALA A 274 7.64 15.11 -21.07
CA ALA A 274 6.63 16.12 -21.33
C ALA A 274 5.30 15.67 -20.75
N GLY A 275 4.39 16.62 -20.57
CA GLY A 275 3.02 16.30 -20.23
C GLY A 275 2.14 16.63 -21.42
N ALA A 276 1.10 15.82 -21.65
CA ALA A 276 0.21 16.07 -22.79
C ALA A 276 -1.25 16.21 -22.41
N MET A 277 -1.98 16.87 -23.29
CA MET A 277 -3.42 17.01 -23.20
C MET A 277 -3.96 16.69 -24.58
N MET A 278 -5.00 15.88 -24.66
CA MET A 278 -5.56 15.52 -25.97
C MET A 278 -6.89 16.24 -26.16
N SER A 279 -6.97 17.04 -27.21
CA SER A 279 -8.22 17.68 -27.60
C SER A 279 -8.99 16.79 -28.56
N VAL A 280 -10.25 16.56 -28.27
CA VAL A 280 -11.12 15.78 -29.14
C VAL A 280 -12.18 16.71 -29.71
N ASP A 281 -12.25 16.91 -31.03
CA ASP A 281 -13.26 17.84 -31.53
C ASP A 281 -14.58 17.11 -31.81
N GLU A 282 -15.58 17.84 -32.27
CA GLU A 282 -16.91 17.28 -32.43
C GLU A 282 -16.96 16.12 -33.43
N THR A 283 -15.99 16.08 -34.35
CA THR A 283 -15.91 15.00 -35.33
C THR A 283 -15.04 13.84 -34.82
N LEU A 284 -14.54 13.99 -33.60
CA LEU A 284 -13.62 13.04 -32.96
C LEU A 284 -12.26 13.04 -33.62
N MET A 285 -11.88 14.17 -34.21
CA MET A 285 -10.47 14.37 -34.56
C MET A 285 -9.69 14.72 -33.29
N CYS A 286 -8.67 13.93 -32.98
CA CYS A 286 -7.87 14.11 -31.79
C CYS A 286 -6.55 14.79 -32.12
N SER A 287 -6.17 15.75 -31.28
CA SER A 287 -4.93 16.47 -31.46
C SER A 287 -4.28 16.64 -30.11
N PHE A 288 -2.97 16.92 -30.12
CA PHE A 288 -2.21 16.89 -28.89
C PHE A 288 -1.52 18.21 -28.62
N GLN A 289 -1.60 18.66 -27.37
CA GLN A 289 -0.81 19.78 -26.89
C GLN A 289 0.13 19.22 -25.85
N ILE A 290 1.41 19.57 -25.94
CA ILE A 290 2.30 19.04 -24.93
C ILE A 290 3.06 20.15 -24.22
N LEU A 291 3.28 19.95 -22.94
CA LEU A 291 4.09 20.86 -22.12
C LEU A 291 5.46 20.23 -21.87
N LYS A 292 6.50 20.84 -22.43
CA LYS A 292 7.84 20.28 -22.32
C LYS A 292 8.65 21.01 -21.25
N PRO A 293 9.25 20.24 -20.32
CA PRO A 293 10.04 20.89 -19.25
C PRO A 293 11.32 21.50 -19.77
N ALA A 294 11.61 22.72 -19.35
CA ALA A 294 12.85 23.38 -19.70
C ALA A 294 13.57 23.83 -18.44
N GLU A 295 14.89 24.02 -18.55
CA GLU A 295 15.69 24.50 -17.43
C GLU A 295 15.16 25.83 -16.91
N LYS B 14 -19.70 8.53 -36.13
CA LYS B 14 -18.44 9.25 -36.19
C LYS B 14 -17.25 8.30 -36.22
N LYS B 15 -16.07 8.84 -36.50
CA LYS B 15 -14.86 8.05 -36.59
C LYS B 15 -13.65 8.83 -36.04
N VAL B 16 -12.94 8.22 -35.10
CA VAL B 16 -11.74 8.83 -34.53
C VAL B 16 -10.67 9.03 -35.60
N THR B 17 -10.15 10.25 -35.69
CA THR B 17 -8.99 10.53 -36.53
C THR B 17 -7.97 11.31 -35.72
N PHE B 18 -6.78 11.51 -36.28
CA PHE B 18 -5.71 12.16 -35.54
C PHE B 18 -5.06 13.26 -36.34
N LEU B 19 -4.81 14.39 -35.68
CA LEU B 19 -4.07 15.47 -36.28
C LEU B 19 -2.58 15.18 -36.19
N GLU B 20 -1.89 15.28 -37.31
CA GLU B 20 -0.46 14.98 -37.35
C GLU B 20 0.34 16.04 -36.61
N GLU B 21 -0.08 17.30 -36.73
CA GLU B 21 0.65 18.41 -36.14
C GLU B 21 0.46 18.47 -34.63
N VAL B 22 1.57 18.35 -33.90
CA VAL B 22 1.57 18.43 -32.45
C VAL B 22 1.97 19.84 -32.01
N THR B 23 1.22 20.40 -31.06
CA THR B 23 1.53 21.73 -30.55
C THR B 23 2.34 21.64 -29.26
N GLU B 24 3.50 22.30 -29.25
CA GLU B 24 4.41 22.18 -28.11
C GLU B 24 4.61 23.49 -27.36
N TYR B 25 4.59 23.40 -26.04
CA TYR B 25 4.91 24.54 -25.18
C TYR B 25 6.05 24.15 -24.25
N TYR B 26 6.96 25.09 -24.01
CA TYR B 26 8.04 24.83 -23.07
C TYR B 26 7.75 25.47 -21.72
N ILE B 27 8.05 24.73 -20.66
CA ILE B 27 7.87 25.25 -19.31
C ILE B 27 9.22 25.44 -18.63
N SER B 28 9.75 26.65 -18.71
CA SER B 28 11.04 26.97 -18.10
C SER B 28 10.95 26.88 -16.57
N GLY B 29 12.06 26.50 -15.95
CA GLY B 29 12.06 26.25 -14.51
C GLY B 29 11.72 24.81 -14.21
N MET C 1 14.21 -32.76 -4.72
CA MET C 1 13.45 -32.74 -3.48
C MET C 1 13.88 -31.58 -2.59
N LEU C 2 12.95 -31.12 -1.77
CA LEU C 2 13.28 -30.13 -0.76
C LEU C 2 14.08 -30.82 0.35
N ASN C 3 15.40 -30.65 0.32
CA ASN C 3 16.24 -31.22 1.38
C ASN C 3 16.37 -30.21 2.51
N ILE C 4 15.50 -30.32 3.51
CA ILE C 4 15.41 -29.27 4.52
C ILE C 4 16.73 -29.13 5.30
N ASP C 5 17.38 -30.25 5.62
CA ASP C 5 18.63 -30.19 6.36
C ASP C 5 19.68 -29.42 5.57
N SER C 6 19.77 -29.71 4.28
CA SER C 6 20.75 -29.07 3.41
C SER C 6 20.49 -27.58 3.23
N ILE C 7 19.22 -27.19 3.20
CA ILE C 7 18.85 -25.79 3.07
C ILE C 7 19.26 -25.01 4.31
N ILE C 8 18.99 -25.58 5.47
CA ILE C 8 19.34 -24.94 6.73
C ILE C 8 20.87 -24.82 6.84
N GLN C 9 21.59 -25.84 6.41
CA GLN C 9 23.04 -25.79 6.49
C GLN C 9 23.61 -24.66 5.62
N ARG C 10 23.09 -24.49 4.41
CA ARG C 10 23.56 -23.44 3.52
C ARG C 10 23.22 -22.06 4.06
N LEU C 11 22.04 -21.95 4.67
CA LEU C 11 21.63 -20.70 5.24
C LEU C 11 22.52 -20.30 6.43
N LEU C 12 22.92 -21.30 7.20
CA LEU C 12 23.75 -21.07 8.38
C LEU C 12 25.22 -20.92 8.03
N GLU C 13 25.56 -21.17 6.77
CA GLU C 13 26.94 -21.03 6.29
C GLU C 13 27.46 -19.60 6.43
N VAL C 14 26.57 -18.61 6.40
CA VAL C 14 26.99 -17.21 6.49
C VAL C 14 27.56 -16.86 7.88
N ARG C 15 27.39 -17.75 8.84
CA ARG C 15 28.01 -17.59 10.16
C ARG C 15 29.52 -17.78 10.06
N LYS C 21 27.06 -11.33 3.51
CA LYS C 21 26.92 -11.85 2.15
C LYS C 21 25.70 -12.75 2.00
N ASN C 22 25.30 -12.99 0.76
CA ASN C 22 24.05 -13.68 0.47
C ASN C 22 24.16 -15.21 0.45
N VAL C 23 23.00 -15.85 0.53
CA VAL C 23 22.88 -17.28 0.28
C VAL C 23 22.07 -17.48 -1.00
N GLN C 24 22.64 -18.21 -1.95
CA GLN C 24 22.02 -18.40 -3.25
C GLN C 24 21.27 -19.72 -3.37
N LEU C 25 20.16 -19.82 -2.65
CA LEU C 25 19.24 -20.93 -2.80
C LEU C 25 18.68 -20.91 -4.22
N GLN C 26 18.35 -22.09 -4.74
CA GLN C 26 17.72 -22.16 -6.06
C GLN C 26 16.27 -21.72 -5.94
N GLU C 27 15.72 -21.15 -7.01
CA GLU C 27 14.35 -20.64 -6.94
C GLU C 27 13.35 -21.74 -6.56
N ASN C 28 13.54 -22.94 -7.11
CA ASN C 28 12.66 -24.06 -6.78
C ASN C 28 12.75 -24.48 -5.32
N GLU C 29 13.89 -24.25 -4.68
CA GLU C 29 14.01 -24.54 -3.25
C GLU C 29 13.20 -23.53 -2.43
N ILE C 30 13.29 -22.25 -2.79
CA ILE C 30 12.56 -21.23 -2.07
C ILE C 30 11.07 -21.42 -2.26
N ARG C 31 10.66 -21.78 -3.49
CA ARG C 31 9.25 -22.00 -3.74
C ARG C 31 8.77 -23.21 -2.95
N GLY C 32 9.61 -24.26 -2.88
CA GLY C 32 9.35 -25.38 -2.00
C GLY C 32 9.13 -24.98 -0.55
N LEU C 33 9.98 -24.09 -0.02
CA LEU C 33 9.79 -23.61 1.35
C LEU C 33 8.42 -22.97 1.53
N CYS C 34 8.03 -22.15 0.56
CA CYS C 34 6.75 -21.47 0.62
C CYS C 34 5.60 -22.46 0.61
N LEU C 35 5.66 -23.43 -0.29
CA LEU C 35 4.52 -24.34 -0.43
C LEU C 35 4.39 -25.33 0.73
N LYS C 36 5.51 -25.85 1.22
CA LYS C 36 5.47 -26.78 2.33
C LYS C 36 5.03 -26.09 3.61
N SER C 37 5.52 -24.88 3.85
CA SER C 37 5.14 -24.16 5.07
C SER C 37 3.68 -23.72 4.99
N ARG C 38 3.22 -23.32 3.81
CA ARG C 38 1.82 -22.95 3.62
C ARG C 38 0.90 -24.07 4.08
N GLU C 39 1.22 -25.30 3.68
CA GLU C 39 0.45 -26.47 4.08
C GLU C 39 0.40 -26.61 5.60
N ILE C 40 1.54 -26.40 6.25
CA ILE C 40 1.63 -26.53 7.69
C ILE C 40 0.80 -25.44 8.38
N PHE C 41 0.95 -24.20 7.94
CA PHE C 41 0.18 -23.09 8.52
C PHE C 41 -1.32 -23.38 8.49
N LEU C 42 -1.81 -23.89 7.37
CA LEU C 42 -3.25 -24.12 7.21
C LEU C 42 -3.72 -25.30 8.06
N SER C 43 -2.80 -26.23 8.34
CA SER C 43 -3.13 -27.41 9.13
C SER C 43 -3.18 -27.08 10.61
N GLN C 44 -2.57 -25.96 10.98
CA GLN C 44 -2.57 -25.53 12.37
C GLN C 44 -3.60 -24.40 12.59
N PRO C 45 -4.01 -24.17 13.84
CA PRO C 45 -5.04 -23.16 14.10
C PRO C 45 -4.57 -21.76 13.73
N ILE C 46 -5.51 -20.87 13.39
CA ILE C 46 -5.14 -19.50 13.07
C ILE C 46 -4.90 -18.74 14.37
N LEU C 47 -5.44 -19.29 15.45
CA LEU C 47 -5.16 -18.82 16.80
C LEU C 47 -4.41 -19.94 17.52
N LEU C 48 -3.10 -19.80 17.63
CA LEU C 48 -2.26 -20.86 18.18
C LEU C 48 -2.43 -20.99 19.68
N GLU C 49 -2.36 -22.22 20.17
CA GLU C 49 -2.36 -22.46 21.61
C GLU C 49 -1.06 -23.15 21.97
N LEU C 50 -0.17 -22.40 22.61
CA LEU C 50 1.20 -22.82 22.83
C LEU C 50 1.50 -23.04 24.30
N GLU C 51 2.51 -23.85 24.57
CA GLU C 51 2.93 -24.11 25.94
C GLU C 51 4.35 -23.61 26.21
N ALA C 52 4.54 -22.96 27.34
CA ALA C 52 5.88 -22.60 27.79
C ALA C 52 6.62 -23.89 28.21
N PRO C 53 7.96 -23.88 28.15
CA PRO C 53 8.82 -22.74 27.82
C PRO C 53 8.94 -22.44 26.33
N LEU C 54 9.20 -21.18 26.02
CA LEU C 54 9.47 -20.76 24.66
C LEU C 54 10.09 -19.38 24.70
N LYS C 55 10.69 -18.99 23.59
CA LYS C 55 11.27 -17.66 23.45
C LYS C 55 10.49 -16.90 22.39
N ILE C 56 10.23 -15.63 22.67
CA ILE C 56 9.41 -14.82 21.81
C ILE C 56 10.22 -13.65 21.24
N CYS C 57 10.11 -13.45 19.93
CA CYS C 57 10.81 -12.36 19.23
C CYS C 57 9.85 -11.46 18.48
N GLY C 58 10.19 -10.19 18.41
CA GLY C 58 9.44 -9.20 17.63
C GLY C 58 10.07 -8.99 16.25
N ASP C 59 9.89 -7.79 15.68
CA ASP C 59 10.23 -7.50 14.28
C ASP C 59 11.66 -7.87 13.94
N ILE C 60 11.87 -8.45 12.76
CA ILE C 60 13.19 -8.74 12.24
C ILE C 60 13.54 -7.89 11.01
N HIS C 61 12.54 -7.67 10.15
CA HIS C 61 12.71 -6.82 8.97
C HIS C 61 13.98 -7.08 8.16
N GLY C 62 14.21 -8.35 7.81
CA GLY C 62 15.28 -8.71 6.90
C GLY C 62 16.70 -8.54 7.45
N GLN C 63 16.83 -8.35 8.75
CA GLN C 63 18.16 -8.19 9.31
C GLN C 63 18.67 -9.57 9.69
N TYR C 64 19.13 -10.28 8.66
CA TYR C 64 19.42 -11.69 8.76
C TYR C 64 20.52 -12.02 9.75
N TYR C 65 21.59 -11.23 9.77
CA TYR C 65 22.68 -11.54 10.68
C TYR C 65 22.25 -11.31 12.13
N ASP C 66 21.26 -10.44 12.34
CA ASP C 66 20.73 -10.24 13.68
C ASP C 66 19.83 -11.39 14.09
N LEU C 67 19.06 -11.93 13.15
CA LEU C 67 18.30 -13.17 13.39
C LEU C 67 19.25 -14.29 13.84
N LEU C 68 20.39 -14.42 13.16
CA LEU C 68 21.35 -15.45 13.53
C LEU C 68 21.86 -15.23 14.94
N ARG C 69 22.08 -13.97 15.31
CA ARG C 69 22.53 -13.67 16.67
C ARG C 69 21.47 -14.02 17.69
N LEU C 70 20.21 -13.79 17.36
CA LEU C 70 19.11 -14.20 18.24
C LEU C 70 19.16 -15.70 18.49
N PHE C 71 19.34 -16.49 17.44
CA PHE C 71 19.39 -17.92 17.62
C PHE C 71 20.64 -18.35 18.39
N GLU C 72 21.78 -17.67 18.15
CA GLU C 72 23.00 -17.97 18.90
C GLU C 72 22.82 -17.81 20.41
N TYR C 73 22.14 -16.75 20.82
CA TYR C 73 21.97 -16.50 22.24
C TYR C 73 20.80 -17.28 22.82
N GLY C 74 19.76 -17.50 22.02
CA GLY C 74 18.57 -18.20 22.49
C GLY C 74 18.65 -19.71 22.36
N GLY C 75 19.49 -20.18 21.43
CA GLY C 75 19.63 -21.59 21.16
C GLY C 75 19.00 -21.94 19.84
N PHE C 76 19.70 -22.68 19.00
CA PHE C 76 19.13 -23.01 17.70
C PHE C 76 18.03 -24.06 17.85
N PRO C 77 16.95 -23.92 17.07
CA PRO C 77 15.90 -24.94 17.11
C PRO C 77 16.48 -26.33 16.93
N PRO C 78 15.94 -27.33 17.65
CA PRO C 78 14.84 -27.25 18.59
C PRO C 78 15.30 -27.16 20.05
N GLU C 79 16.49 -26.61 20.28
CA GLU C 79 16.98 -26.45 21.64
C GLU C 79 16.02 -25.62 22.47
N SER C 80 15.40 -24.64 21.80
CA SER C 80 14.37 -23.82 22.40
C SER C 80 13.21 -23.77 21.45
N ASN C 81 11.99 -23.67 21.97
CA ASN C 81 10.82 -23.36 21.14
C ASN C 81 10.82 -21.87 20.86
N TYR C 82 10.32 -21.49 19.68
CA TYR C 82 10.23 -20.07 19.30
C TYR C 82 8.85 -19.66 18.84
N LEU C 83 8.50 -18.42 19.18
CA LEU C 83 7.38 -17.72 18.59
C LEU C 83 7.88 -16.40 18.08
N PHE C 84 7.70 -16.14 16.79
CA PHE C 84 7.97 -14.83 16.22
C PHE C 84 6.67 -14.10 15.97
N LEU C 85 6.69 -12.79 16.17
CA LEU C 85 5.46 -11.99 16.14
C LEU C 85 5.23 -11.26 14.82
N GLY C 86 5.99 -11.60 13.79
CA GLY C 86 5.78 -10.99 12.49
C GLY C 86 6.82 -10.00 12.00
N ASP C 87 6.58 -9.47 10.80
CA ASP C 87 7.43 -8.46 10.18
C ASP C 87 8.82 -9.03 9.96
N TYR C 88 8.88 -10.06 9.10
CA TYR C 88 10.12 -10.74 8.75
C TYR C 88 10.83 -10.05 7.62
N VAL C 89 10.06 -9.36 6.79
CA VAL C 89 10.57 -8.78 5.56
C VAL C 89 10.43 -7.25 5.54
N ASP C 90 10.99 -6.66 4.48
CA ASP C 90 11.01 -5.21 4.22
C ASP C 90 12.07 -4.49 5.03
N ARG C 91 12.53 -3.37 4.48
CA ARG C 91 13.44 -2.41 5.11
C ARG C 91 14.90 -2.88 5.17
N GLY C 92 15.12 -4.12 5.60
CA GLY C 92 16.47 -4.65 5.75
C GLY C 92 17.09 -5.15 4.46
N LYS C 93 18.34 -5.62 4.57
CA LYS C 93 19.13 -5.99 3.39
C LYS C 93 18.88 -7.41 2.90
N GLN C 94 18.43 -8.29 3.78
CA GLN C 94 18.39 -9.71 3.49
C GLN C 94 17.08 -10.33 3.93
N SER C 95 15.98 -9.81 3.42
CA SER C 95 14.69 -10.37 3.73
C SER C 95 14.59 -11.81 3.25
N LEU C 96 15.21 -12.13 2.12
CA LEU C 96 15.04 -13.47 1.55
C LEU C 96 15.66 -14.52 2.46
N GLU C 97 16.89 -14.28 2.91
CA GLU C 97 17.56 -15.21 3.83
C GLU C 97 16.77 -15.34 5.11
N THR C 98 16.28 -14.22 5.62
CA THR C 98 15.55 -14.21 6.87
C THR C 98 14.30 -15.10 6.80
N ILE C 99 13.45 -14.86 5.82
CA ILE C 99 12.21 -15.62 5.79
C ILE C 99 12.49 -17.08 5.38
N CYS C 100 13.52 -17.30 4.56
CA CYS C 100 13.83 -18.68 4.16
C CYS C 100 14.24 -19.51 5.36
N LEU C 101 15.05 -18.95 6.27
CA LEU C 101 15.49 -19.72 7.43
C LEU C 101 14.32 -19.97 8.35
N LEU C 102 13.48 -18.95 8.53
CA LEU C 102 12.30 -19.11 9.38
C LEU C 102 11.34 -20.17 8.85
N LEU C 103 11.08 -20.15 7.54
CA LEU C 103 10.22 -21.16 6.93
C LEU C 103 10.85 -22.56 6.99
N ALA C 104 12.16 -22.63 6.82
CA ALA C 104 12.83 -23.92 6.87
C ALA C 104 12.69 -24.54 8.26
N TYR C 105 12.87 -23.73 9.30
CA TYR C 105 12.70 -24.23 10.66
C TYR C 105 11.24 -24.60 10.96
N LYS C 106 10.29 -23.85 10.41
CA LYS C 106 8.89 -24.22 10.56
C LYS C 106 8.62 -25.61 9.94
N ILE C 107 9.23 -25.86 8.80
CA ILE C 107 9.02 -27.14 8.11
C ILE C 107 9.68 -28.29 8.85
N LYS C 108 10.86 -28.03 9.41
CA LYS C 108 11.60 -29.09 10.09
C LYS C 108 11.02 -29.40 11.47
N TYR C 109 10.62 -28.35 12.20
CA TYR C 109 10.11 -28.51 13.56
C TYR C 109 8.75 -27.84 13.73
N PRO C 110 7.72 -28.34 13.02
CA PRO C 110 6.44 -27.62 12.93
C PRO C 110 5.71 -27.43 14.26
N GLU C 111 6.02 -28.23 15.27
CA GLU C 111 5.34 -28.05 16.56
C GLU C 111 6.25 -27.46 17.63
N ASN C 112 7.43 -26.99 17.23
CA ASN C 112 8.37 -26.35 18.15
C ASN C 112 8.73 -24.95 17.71
N PHE C 113 8.17 -24.52 16.59
CA PHE C 113 8.60 -23.29 15.93
C PHE C 113 7.38 -22.63 15.33
N PHE C 114 7.15 -21.35 15.66
CA PHE C 114 5.90 -20.68 15.27
C PHE C 114 6.13 -19.27 14.78
N LEU C 115 5.36 -18.92 13.76
CA LEU C 115 5.45 -17.63 13.09
C LEU C 115 4.06 -17.01 12.99
N LEU C 116 3.88 -15.83 13.57
CA LEU C 116 2.66 -15.06 13.32
C LEU C 116 2.80 -14.12 12.13
N ARG C 117 1.66 -13.64 11.66
CA ARG C 117 1.64 -12.66 10.58
C ARG C 117 1.86 -11.24 11.10
N GLY C 118 2.78 -10.49 10.51
CA GLY C 118 2.89 -9.06 10.77
C GLY C 118 2.24 -8.25 9.66
N ASN C 119 2.15 -6.93 9.84
CA ASN C 119 1.52 -6.12 8.79
C ASN C 119 2.39 -6.08 7.53
N HIS C 120 3.67 -6.45 7.63
CA HIS C 120 4.52 -6.47 6.45
C HIS C 120 4.44 -7.79 5.69
N GLU C 121 3.73 -8.77 6.24
CA GLU C 121 3.48 -10.03 5.54
C GLU C 121 2.18 -9.88 4.78
N CYS C 122 2.14 -8.84 3.95
N CYS C 122 2.10 -8.78 4.03
CA CYS C 122 0.94 -8.43 3.24
CA CYS C 122 0.95 -8.42 3.23
C CYS C 122 1.41 -7.78 1.94
C CYS C 122 1.50 -7.87 1.92
N ALA C 123 0.88 -8.25 0.81
CA ALA C 123 1.40 -7.84 -0.50
C ALA C 123 1.28 -6.34 -0.72
N SER C 124 0.21 -5.73 -0.23
CA SER C 124 0.02 -4.29 -0.42
C SER C 124 1.09 -3.47 0.29
N ILE C 125 1.73 -4.07 1.30
CA ILE C 125 2.80 -3.39 2.04
C ILE C 125 4.19 -3.82 1.56
N ASN C 126 4.45 -5.12 1.45
CA ASN C 126 5.81 -5.50 1.10
C ASN C 126 6.11 -5.35 -0.41
N ARG C 127 5.11 -5.02 -1.21
CA ARG C 127 5.36 -4.60 -2.58
C ARG C 127 6.16 -3.30 -2.58
N ILE C 128 5.87 -2.45 -1.60
CA ILE C 128 6.40 -1.10 -1.55
C ILE C 128 7.68 -1.00 -0.71
N TYR C 129 7.74 -1.72 0.40
CA TYR C 129 8.81 -1.43 1.36
C TYR C 129 10.04 -2.33 1.26
N GLY C 130 10.19 -3.03 0.13
CA GLY C 130 11.47 -3.66 -0.16
C GLY C 130 11.46 -5.11 -0.60
N PHE C 131 10.50 -5.90 -0.11
CA PHE C 131 10.56 -7.34 -0.35
C PHE C 131 10.35 -7.69 -1.83
N TYR C 132 9.37 -7.05 -2.45
N TYR C 132 9.34 -7.06 -2.42
CA TYR C 132 9.15 -7.29 -3.88
CA TYR C 132 9.09 -7.16 -3.86
C TYR C 132 10.36 -6.87 -4.70
C TYR C 132 10.36 -6.88 -4.64
N ASP C 133 10.98 -5.74 -4.33
CA ASP C 133 12.19 -5.30 -5.03
C ASP C 133 13.31 -6.31 -4.89
N GLU C 134 13.51 -6.83 -3.68
CA GLU C 134 14.55 -7.83 -3.44
C GLU C 134 14.29 -9.12 -4.24
N CYS C 135 13.03 -9.56 -4.26
CA CYS C 135 12.64 -10.74 -5.04
C CYS C 135 12.88 -10.53 -6.53
N LYS C 136 12.51 -9.36 -7.04
CA LYS C 136 12.66 -9.08 -8.46
C LYS C 136 14.14 -9.02 -8.86
N ARG C 137 14.96 -8.45 -7.99
CA ARG C 137 16.38 -8.28 -8.27
C ARG C 137 17.14 -9.60 -8.25
N ARG C 138 16.90 -10.40 -7.22
CA ARG C 138 17.65 -11.64 -7.03
C ARG C 138 17.02 -12.82 -7.74
N TYR C 139 15.70 -12.80 -7.90
CA TYR C 139 15.01 -13.88 -8.60
C TYR C 139 14.03 -13.29 -9.62
N ASN C 140 12.73 -13.39 -9.35
CA ASN C 140 11.74 -12.81 -10.24
C ASN C 140 10.39 -12.60 -9.54
N ILE C 141 9.43 -12.05 -10.28
CA ILE C 141 8.10 -11.71 -9.76
C ILE C 141 7.31 -12.93 -9.28
N LYS C 142 7.38 -14.02 -10.02
CA LYS C 142 6.69 -15.25 -9.65
C LYS C 142 7.03 -15.68 -8.21
N LEU C 143 8.28 -15.51 -7.82
CA LEU C 143 8.73 -15.87 -6.49
C LEU C 143 8.02 -15.04 -5.42
N TRP C 144 7.96 -13.73 -5.65
CA TRP C 144 7.25 -12.83 -4.75
C TRP C 144 5.77 -13.22 -4.63
N LYS C 145 5.13 -13.55 -5.74
CA LYS C 145 3.75 -14.02 -5.72
C LYS C 145 3.63 -15.31 -4.90
N THR C 146 4.64 -16.17 -4.99
CA THR C 146 4.64 -17.41 -4.21
C THR C 146 4.74 -17.11 -2.70
N PHE C 147 5.59 -16.17 -2.31
CA PHE C 147 5.64 -15.72 -0.93
C PHE C 147 4.29 -15.18 -0.43
N THR C 148 3.63 -14.38 -1.26
CA THR C 148 2.33 -13.82 -0.88
C THR C 148 1.32 -14.94 -0.61
N ASP C 149 1.37 -15.97 -1.45
CA ASP C 149 0.49 -17.13 -1.34
C ASP C 149 0.70 -17.84 0.00
N CYS C 150 1.92 -17.75 0.50
CA CYS C 150 2.32 -18.36 1.76
C CYS C 150 1.94 -17.47 2.94
N PHE C 151 2.30 -16.19 2.84
CA PHE C 151 2.02 -15.23 3.90
C PHE C 151 0.52 -15.12 4.21
N ASN C 152 -0.33 -15.24 3.19
CA ASN C 152 -1.79 -15.16 3.36
C ASN C 152 -2.35 -16.23 4.26
N CYS C 153 -1.52 -17.22 4.59
CA CYS C 153 -1.95 -18.36 5.37
C CYS C 153 -1.33 -18.38 6.77
N LEU C 154 -0.53 -17.37 7.08
CA LEU C 154 0.06 -17.30 8.43
C LEU C 154 -1.00 -17.16 9.51
N PRO C 155 -0.76 -17.77 10.68
CA PRO C 155 -1.66 -17.52 11.81
C PRO C 155 -1.53 -16.10 12.31
N ILE C 156 -2.52 -15.66 13.08
CA ILE C 156 -2.70 -14.25 13.40
C ILE C 156 -2.38 -13.93 14.85
N ALA C 157 -2.56 -14.90 15.73
CA ALA C 157 -2.32 -14.67 17.15
C ALA C 157 -2.01 -15.97 17.85
N ALA C 158 -1.51 -15.86 19.08
CA ALA C 158 -1.18 -17.03 19.86
C ALA C 158 -1.47 -16.77 21.33
N ILE C 159 -1.90 -17.80 22.03
CA ILE C 159 -2.04 -17.68 23.47
C ILE C 159 -1.15 -18.70 24.14
N VAL C 160 -0.27 -18.20 25.01
CA VAL C 160 0.68 -19.07 25.70
C VAL C 160 0.16 -19.45 27.08
N ASP C 161 -0.09 -20.75 27.27
CA ASP C 161 -0.62 -21.33 28.52
C ASP C 161 -1.83 -20.57 29.07
N GLU C 162 -2.70 -20.16 28.16
CA GLU C 162 -3.95 -19.49 28.50
C GLU C 162 -3.75 -18.20 29.30
N LYS C 163 -2.54 -17.63 29.27
CA LYS C 163 -2.26 -16.42 30.04
C LYS C 163 -1.61 -15.28 29.27
N ILE C 164 -0.88 -15.60 28.19
CA ILE C 164 -0.22 -14.55 27.41
C ILE C 164 -0.80 -14.50 25.99
N PHE C 165 -1.44 -13.38 25.66
CA PHE C 165 -2.01 -13.19 24.35
C PHE C 165 -1.02 -12.44 23.46
N CYS C 166 -0.67 -13.06 22.34
CA CYS C 166 0.37 -12.56 21.44
C CYS C 166 -0.16 -12.22 20.07
N CYS C 167 0.21 -11.06 19.54
CA CYS C 167 -0.09 -10.72 18.16
C CYS C 167 0.87 -9.64 17.73
N HIS C 168 0.88 -9.33 16.44
CA HIS C 168 1.87 -8.37 15.96
C HIS C 168 1.55 -6.96 16.44
N GLY C 169 0.34 -6.49 16.18
CA GLY C 169 0.00 -5.11 16.43
C GLY C 169 -0.61 -4.93 17.80
N GLY C 170 -1.89 -5.23 17.93
CA GLY C 170 -2.51 -5.07 19.23
C GLY C 170 -3.97 -5.45 19.26
N LEU C 171 -4.68 -4.86 20.21
CA LEU C 171 -6.09 -5.17 20.40
C LEU C 171 -6.97 -4.54 19.32
N SER C 172 -8.23 -4.95 19.30
CA SER C 172 -9.23 -4.41 18.38
C SER C 172 -10.50 -4.06 19.12
N PRO C 173 -11.12 -2.92 18.77
CA PRO C 173 -12.42 -2.67 19.39
C PRO C 173 -13.48 -3.68 18.94
N ASP C 174 -13.19 -4.46 17.90
CA ASP C 174 -14.12 -5.48 17.43
C ASP C 174 -13.97 -6.81 18.16
N LEU C 175 -12.88 -6.96 18.90
CA LEU C 175 -12.55 -8.26 19.49
C LEU C 175 -13.27 -8.49 20.81
N GLN C 176 -14.37 -9.22 20.75
CA GLN C 176 -15.14 -9.59 21.93
C GLN C 176 -14.87 -11.02 22.37
N SER C 177 -14.59 -11.88 21.40
CA SER C 177 -14.43 -13.30 21.66
C SER C 177 -13.29 -13.85 20.83
N MET C 178 -12.49 -14.74 21.43
CA MET C 178 -11.41 -15.40 20.68
C MET C 178 -11.97 -16.14 19.47
N GLU C 179 -13.23 -16.55 19.53
CA GLU C 179 -13.86 -17.23 18.41
C GLU C 179 -13.88 -16.36 17.15
N GLN C 180 -13.89 -15.05 17.32
CA GLN C 180 -13.84 -14.16 16.16
C GLN C 180 -12.53 -14.32 15.37
N ILE C 181 -11.45 -14.61 16.08
CA ILE C 181 -10.17 -14.82 15.41
C ILE C 181 -10.21 -16.17 14.71
N ARG C 182 -10.71 -17.18 15.42
CA ARG C 182 -10.78 -18.54 14.88
C ARG C 182 -11.63 -18.66 13.63
N ARG C 183 -12.63 -17.79 13.49
CA ARG C 183 -13.54 -17.92 12.37
C ARG C 183 -12.99 -17.23 11.13
N ILE C 184 -11.85 -16.57 11.27
CA ILE C 184 -11.20 -15.96 10.12
C ILE C 184 -10.70 -17.06 9.19
N MET C 185 -11.14 -17.03 7.94
CA MET C 185 -10.74 -18.04 6.96
C MET C 185 -9.45 -17.64 6.26
N ARG C 186 -8.65 -18.65 5.93
CA ARG C 186 -7.41 -18.44 5.19
C ARG C 186 -7.46 -19.23 3.90
N PRO C 187 -6.75 -18.77 2.86
CA PRO C 187 -5.92 -17.56 2.79
C PRO C 187 -6.73 -16.27 2.77
N THR C 188 -6.14 -15.20 3.29
CA THR C 188 -6.79 -13.91 3.30
C THR C 188 -5.78 -12.80 3.15
N ASP C 189 -6.20 -11.72 2.49
CA ASP C 189 -5.40 -10.51 2.48
C ASP C 189 -5.72 -9.79 3.78
N VAL C 190 -4.97 -8.74 4.08
CA VAL C 190 -5.30 -7.94 5.25
C VAL C 190 -6.02 -6.68 4.81
N PRO C 191 -7.27 -6.51 5.26
CA PRO C 191 -8.10 -5.37 4.87
C PRO C 191 -7.59 -4.04 5.45
N ASP C 192 -8.10 -2.95 4.89
CA ASP C 192 -7.78 -1.59 5.32
C ASP C 192 -8.36 -1.27 6.69
N GLN C 193 -9.32 -2.08 7.12
CA GLN C 193 -9.92 -1.92 8.44
C GLN C 193 -10.56 -3.22 8.93
N GLY C 194 -10.88 -3.27 10.21
CA GLY C 194 -11.51 -4.44 10.78
C GLY C 194 -10.63 -5.20 11.74
N LEU C 195 -11.12 -6.33 12.23
CA LEU C 195 -10.45 -7.12 13.26
C LEU C 195 -9.02 -7.53 12.88
N LEU C 196 -8.87 -8.17 11.72
CA LEU C 196 -7.55 -8.63 11.27
C LEU C 196 -6.58 -7.44 11.13
N CYS C 197 -7.05 -6.38 10.50
CA CYS C 197 -6.28 -5.15 10.40
C CYS C 197 -5.77 -4.69 11.76
N ASP C 198 -6.67 -4.55 12.72
CA ASP C 198 -6.30 -4.07 14.06
C ASP C 198 -5.28 -4.97 14.74
N LEU C 199 -5.46 -6.28 14.62
CA LEU C 199 -4.53 -7.21 15.24
C LEU C 199 -3.12 -7.04 14.72
N LEU C 200 -2.99 -6.62 13.46
CA LEU C 200 -1.69 -6.43 12.84
C LEU C 200 -1.18 -4.98 12.88
N TRP C 201 -2.03 -4.02 13.23
CA TRP C 201 -1.67 -2.61 13.08
C TRP C 201 -1.82 -1.69 14.30
N SER C 202 -2.66 -2.06 15.27
CA SER C 202 -2.95 -1.11 16.35
C SER C 202 -1.78 -0.93 17.32
N ASP C 203 -1.81 0.16 18.09
CA ASP C 203 -0.76 0.49 19.04
C ASP C 203 -1.35 0.90 20.38
N PRO C 204 -0.65 0.61 21.47
CA PRO C 204 -1.01 1.19 22.76
C PRO C 204 -0.60 2.66 22.82
N ASP C 205 -1.30 3.45 23.62
CA ASP C 205 -0.96 4.86 23.78
C ASP C 205 -1.26 5.32 25.20
N LYS C 206 -0.29 5.99 25.83
CA LYS C 206 -0.41 6.42 27.22
C LYS C 206 -1.43 7.54 27.39
N ASP C 207 -1.70 8.25 26.31
CA ASP C 207 -2.51 9.47 26.42
C ASP C 207 -3.96 9.27 25.98
N VAL C 208 -4.28 8.13 25.37
CA VAL C 208 -5.65 7.89 24.93
C VAL C 208 -6.48 7.27 26.07
N LEU C 209 -7.74 7.67 26.18
CA LEU C 209 -8.67 7.00 27.08
C LEU C 209 -9.70 6.28 26.23
N GLY C 210 -9.65 4.96 26.25
CA GLY C 210 -10.47 4.13 25.37
C GLY C 210 -9.75 3.92 24.06
N TRP C 211 -10.45 4.14 22.95
CA TRP C 211 -9.89 3.98 21.62
C TRP C 211 -9.69 5.35 20.98
N GLY C 212 -8.69 5.45 20.12
CA GLY C 212 -8.46 6.69 19.39
C GLY C 212 -7.94 6.39 18.01
N GLU C 213 -7.90 7.39 17.16
CA GLU C 213 -7.37 7.18 15.82
C GLU C 213 -5.85 7.14 15.85
N ASN C 214 -5.30 6.24 15.05
CA ASN C 214 -3.88 5.98 14.99
C ASN C 214 -3.18 6.92 14.00
N ASP C 215 -2.09 7.55 14.43
CA ASP C 215 -1.29 8.45 13.57
C ASP C 215 -0.80 7.79 12.27
N ARG C 216 -0.71 6.47 12.27
CA ARG C 216 -0.32 5.74 11.06
C ARG C 216 -1.31 5.92 9.92
N GLY C 217 -2.54 6.27 10.24
CA GLY C 217 -3.60 6.36 9.23
C GLY C 217 -4.33 5.05 9.02
N VAL C 218 -3.95 4.04 9.79
CA VAL C 218 -4.55 2.71 9.76
C VAL C 218 -4.87 2.34 11.20
N SER C 219 -6.04 1.76 11.43
CA SER C 219 -6.40 1.19 12.73
C SER C 219 -6.43 2.22 13.86
N PHE C 220 -6.16 1.77 15.07
CA PHE C 220 -6.42 2.58 16.27
C PHE C 220 -5.28 2.61 17.26
N THR C 221 -5.43 3.51 18.24
CA THR C 221 -4.70 3.41 19.48
C THR C 221 -5.65 2.98 20.59
N PHE C 222 -5.08 2.39 21.64
CA PHE C 222 -5.87 1.98 22.80
C PHE C 222 -5.10 2.26 24.07
N GLY C 223 -5.82 2.58 25.13
CA GLY C 223 -5.20 2.94 26.39
C GLY C 223 -5.07 1.82 27.39
N ALA C 224 -4.59 2.18 28.58
CA ALA C 224 -4.29 1.19 29.62
C ALA C 224 -5.51 0.51 30.18
N GLU C 225 -6.64 1.21 30.26
CA GLU C 225 -7.81 0.56 30.83
C GLU C 225 -8.43 -0.40 29.81
N VAL C 226 -8.24 -0.14 28.53
CA VAL C 226 -8.66 -1.11 27.51
C VAL C 226 -7.92 -2.44 27.72
N VAL C 227 -6.63 -2.35 27.98
CA VAL C 227 -5.79 -3.53 28.23
C VAL C 227 -6.27 -4.28 29.48
N ALA C 228 -6.48 -3.54 30.57
CA ALA C 228 -6.94 -4.13 31.81
C ALA C 228 -8.27 -4.89 31.64
N LYS C 229 -9.24 -4.24 30.99
CA LYS C 229 -10.54 -4.84 30.78
C LYS C 229 -10.44 -6.10 29.92
N PHE C 230 -9.59 -6.04 28.90
CA PHE C 230 -9.40 -7.18 28.00
C PHE C 230 -8.78 -8.34 28.79
N LEU C 231 -7.74 -8.06 29.55
CA LEU C 231 -7.11 -9.11 30.37
C LEU C 231 -8.08 -9.73 31.37
N HIS C 232 -8.89 -8.90 32.04
CA HIS C 232 -9.79 -9.43 33.04
C HIS C 232 -10.90 -10.26 32.38
N LYS C 233 -11.39 -9.76 31.25
CA LYS C 233 -12.46 -10.44 30.54
C LYS C 233 -12.05 -11.85 30.13
N HIS C 234 -10.86 -11.97 29.57
CA HIS C 234 -10.41 -13.24 29.00
C HIS C 234 -9.48 -14.02 29.92
N ASP C 235 -9.42 -13.60 31.18
CA ASP C 235 -8.57 -14.22 32.21
C ASP C 235 -7.15 -14.42 31.71
N LEU C 236 -6.57 -13.35 31.19
CA LEU C 236 -5.19 -13.33 30.74
C LEU C 236 -4.33 -12.50 31.69
N ASP C 237 -3.01 -12.68 31.63
CA ASP C 237 -2.09 -11.89 32.47
C ASP C 237 -1.31 -10.85 31.68
N LEU C 238 -1.07 -11.10 30.39
CA LEU C 238 -0.16 -10.28 29.62
C LEU C 238 -0.55 -10.23 28.15
N ILE C 239 -0.42 -9.06 27.54
CA ILE C 239 -0.42 -8.94 26.09
C ILE C 239 1.01 -8.76 25.62
N CYS C 240 1.44 -9.58 24.66
CA CYS C 240 2.78 -9.51 24.11
C CYS C 240 2.68 -9.19 22.62
N ARG C 241 3.21 -8.04 22.22
CA ARG C 241 3.11 -7.60 20.83
C ARG C 241 4.44 -6.97 20.38
N ALA C 242 4.46 -6.50 19.14
CA ALA C 242 5.70 -6.02 18.52
C ALA C 242 5.39 -4.67 17.85
N HIS C 243 5.80 -4.51 16.60
CA HIS C 243 5.25 -3.47 15.71
C HIS C 243 5.80 -2.05 15.95
N GLN C 244 6.31 -1.77 17.14
CA GLN C 244 6.92 -0.47 17.39
C GLN C 244 8.37 -0.57 17.81
N VAL C 245 9.22 0.26 17.22
CA VAL C 245 10.61 0.37 17.64
C VAL C 245 10.66 0.91 19.04
N VAL C 246 11.38 0.22 19.91
CA VAL C 246 11.54 0.68 21.29
C VAL C 246 13.03 0.62 21.63
N GLU C 247 13.51 1.65 22.32
CA GLU C 247 14.95 1.89 22.49
C GLU C 247 15.71 0.71 23.07
N ASP C 248 15.12 0.01 24.03
CA ASP C 248 15.83 -1.07 24.71
C ASP C 248 15.38 -2.45 24.24
N GLY C 249 14.64 -2.50 23.14
CA GLY C 249 14.24 -3.76 22.56
C GLY C 249 12.93 -4.28 23.13
N TYR C 250 12.62 -3.88 24.35
CA TYR C 250 11.33 -4.21 24.95
C TYR C 250 10.87 -3.01 25.75
N GLU C 251 9.56 -2.88 25.89
CA GLU C 251 9.00 -1.80 26.68
C GLU C 251 7.64 -2.19 27.24
N PHE C 252 7.46 -1.94 28.53
CA PHE C 252 6.19 -2.22 29.20
C PHE C 252 5.20 -1.10 29.02
N PHE C 253 3.94 -1.48 29.11
CA PHE C 253 2.82 -0.56 29.04
C PHE C 253 1.78 -0.97 30.09
N ALA C 254 1.08 0.01 30.67
CA ALA C 254 0.00 -0.29 31.61
C ALA C 254 0.44 -1.17 32.78
N LYS C 255 1.48 -0.75 33.49
CA LYS C 255 1.97 -1.46 34.68
C LYS C 255 2.27 -2.93 34.38
N ARG C 256 3.02 -3.14 33.32
CA ARG C 256 3.46 -4.48 32.86
C ARG C 256 2.34 -5.42 32.42
N GLN C 257 1.16 -4.88 32.12
CA GLN C 257 0.09 -5.69 31.55
C GLN C 257 0.26 -5.92 30.05
N LEU C 258 1.12 -5.12 29.43
CA LEU C 258 1.45 -5.30 28.02
C LEU C 258 2.94 -5.09 27.84
N VAL C 259 3.54 -5.85 26.92
CA VAL C 259 4.94 -5.60 26.57
C VAL C 259 5.09 -5.57 25.05
N THR C 260 5.92 -4.65 24.59
CA THR C 260 6.29 -4.53 23.19
C THR C 260 7.68 -5.11 23.05
N LEU C 261 7.85 -6.00 22.09
CA LEU C 261 9.13 -6.60 21.73
C LEU C 261 9.54 -6.19 20.33
N PHE C 262 10.80 -5.81 20.17
CA PHE C 262 11.29 -5.39 18.85
C PHE C 262 12.69 -6.00 18.70
N SER C 263 12.93 -6.73 17.63
CA SER C 263 14.13 -7.57 17.59
C SER C 263 15.06 -7.26 16.43
N ALA C 264 14.94 -6.06 15.88
CA ALA C 264 15.83 -5.59 14.83
C ALA C 264 16.72 -4.48 15.39
N PRO C 265 17.94 -4.83 15.85
CA PRO C 265 18.85 -3.81 16.41
C PRO C 265 19.24 -2.76 15.38
N ASN C 266 19.49 -1.53 15.82
CA ASN C 266 19.86 -0.44 14.92
C ASN C 266 19.00 -0.45 13.68
N TYR C 267 17.69 -0.50 13.89
CA TYR C 267 16.68 -0.68 12.86
C TYR C 267 16.89 0.22 11.63
N CYS C 268 16.97 -0.40 10.47
CA CYS C 268 17.20 0.29 9.18
C CYS C 268 18.56 0.97 9.08
N GLY C 269 19.35 0.93 10.15
CA GLY C 269 20.51 1.79 10.24
C GLY C 269 20.06 3.23 10.48
N GLU C 270 18.84 3.38 10.98
CA GLU C 270 18.23 4.68 11.19
C GLU C 270 17.95 4.95 12.67
N PHE C 271 17.90 3.89 13.46
CA PHE C 271 17.68 4.00 14.89
C PHE C 271 18.88 3.46 15.66
N ASP C 272 19.01 3.83 16.93
CA ASP C 272 20.11 3.35 17.76
C ASP C 272 19.58 2.38 18.81
N ASN C 273 18.56 1.62 18.42
CA ASN C 273 17.84 0.76 19.35
C ASN C 273 18.48 -0.60 19.54
N ALA C 274 18.25 -1.21 20.70
CA ALA C 274 18.61 -2.59 20.90
C ALA C 274 17.47 -3.50 20.43
N GLY C 275 17.77 -4.77 20.26
CA GLY C 275 16.73 -5.74 19.96
C GLY C 275 16.57 -6.63 21.18
N ALA C 276 15.36 -7.15 21.41
CA ALA C 276 15.14 -7.99 22.57
C ALA C 276 14.44 -9.28 22.20
N MET C 277 14.62 -10.27 23.06
CA MET C 277 13.98 -11.56 22.97
C MET C 277 13.47 -11.87 24.37
N MET C 278 12.21 -12.26 24.49
CA MET C 278 11.66 -12.58 25.82
C MET C 278 11.58 -14.09 26.02
N SER C 279 12.26 -14.59 27.05
CA SER C 279 12.15 -15.99 27.40
C SER C 279 11.01 -16.18 28.39
N VAL C 280 10.16 -17.16 28.13
CA VAL C 280 9.08 -17.52 29.04
C VAL C 280 9.35 -18.92 29.57
N ASP C 281 9.56 -19.08 30.88
CA ASP C 281 9.88 -20.42 31.37
C ASP C 281 8.57 -21.16 31.72
N GLU C 282 8.66 -22.41 32.16
CA GLU C 282 7.45 -23.23 32.33
C GLU C 282 6.50 -22.67 33.40
N THR C 283 7.01 -21.81 34.28
CA THR C 283 6.18 -21.20 35.31
C THR C 283 5.63 -19.85 34.85
N LEU C 284 5.92 -19.51 33.60
CA LEU C 284 5.57 -18.22 33.00
C LEU C 284 6.31 -17.03 33.63
N MET C 285 7.53 -17.28 34.11
CA MET C 285 8.40 -16.17 34.47
C MET C 285 9.08 -15.70 33.20
N CYS C 286 8.97 -14.41 32.93
CA CYS C 286 9.48 -13.82 31.69
C CYS C 286 10.76 -13.04 31.98
N SER C 287 11.73 -13.20 31.09
CA SER C 287 13.00 -12.52 31.25
C SER C 287 13.46 -12.04 29.89
N PHE C 288 14.35 -11.06 29.88
CA PHE C 288 14.74 -10.46 28.62
C PHE C 288 16.22 -10.58 28.34
N GLN C 289 16.51 -10.90 27.09
CA GLN C 289 17.86 -10.84 26.55
C GLN C 289 17.91 -9.75 25.51
N ILE C 290 18.92 -8.91 25.60
CA ILE C 290 19.00 -7.70 24.78
C ILE C 290 20.27 -7.71 23.96
N LEU C 291 20.12 -7.45 22.66
CA LEU C 291 21.26 -7.36 21.77
C LEU C 291 21.49 -5.90 21.47
N LYS C 292 22.62 -5.38 21.94
CA LYS C 292 22.91 -3.96 21.85
C LYS C 292 24.06 -3.70 20.89
N PRO C 293 23.78 -3.03 19.77
CA PRO C 293 24.85 -2.66 18.84
C PRO C 293 25.96 -1.87 19.53
N ALA C 294 27.20 -2.31 19.33
CA ALA C 294 28.35 -1.59 19.88
C ALA C 294 28.47 -0.23 19.22
N GLU C 295 28.77 0.79 20.01
CA GLU C 295 28.97 2.12 19.48
C GLU C 295 30.46 2.40 19.36
N LYS D 14 -1.24 -21.08 36.32
CA LYS D 14 0.04 -20.36 36.32
C LYS D 14 -0.18 -18.86 36.31
N LYS D 15 0.84 -18.11 36.73
CA LYS D 15 0.77 -16.66 36.78
C LYS D 15 2.05 -16.05 36.20
N VAL D 16 1.88 -15.09 35.29
CA VAL D 16 3.01 -14.39 34.69
C VAL D 16 3.75 -13.55 35.71
N THR D 17 5.06 -13.75 35.79
CA THR D 17 5.95 -12.94 36.60
C THR D 17 7.11 -12.47 35.74
N PHE D 18 7.89 -11.52 36.25
CA PHE D 18 9.02 -11.00 35.49
C PHE D 18 10.30 -11.00 36.30
N LEU D 19 11.39 -11.37 35.62
CA LEU D 19 12.71 -11.23 36.18
C LEU D 19 13.20 -9.81 35.94
N GLU D 20 13.59 -9.13 37.00
CA GLU D 20 14.05 -7.74 36.89
C GLU D 20 15.38 -7.64 36.14
N GLU D 21 16.29 -8.57 36.40
CA GLU D 21 17.62 -8.55 35.80
C GLU D 21 17.60 -8.95 34.33
N VAL D 22 17.95 -7.98 33.48
CA VAL D 22 18.04 -8.20 32.05
C VAL D 22 19.46 -8.66 31.71
N THR D 23 19.58 -9.52 30.69
CA THR D 23 20.88 -9.91 30.18
C THR D 23 21.17 -9.18 28.86
N GLU D 24 22.26 -8.43 28.83
CA GLU D 24 22.61 -7.67 27.62
C GLU D 24 23.89 -8.17 26.99
N TYR D 25 23.94 -8.13 25.66
CA TYR D 25 25.15 -8.45 24.93
C TYR D 25 25.46 -7.36 23.90
N TYR D 26 26.72 -6.97 23.80
CA TYR D 26 27.15 -6.13 22.69
C TYR D 26 27.25 -6.97 21.41
N ILE D 27 26.79 -6.40 20.30
CA ILE D 27 26.91 -7.06 19.01
C ILE D 27 27.49 -6.09 18.01
N SER D 28 27.79 -6.56 16.80
CA SER D 28 28.37 -5.73 15.74
C SER D 28 27.66 -4.38 15.53
N GLY D 29 28.41 -3.31 15.67
CA GLY D 29 27.89 -1.98 15.44
C GLY D 29 28.18 -1.50 14.03
N ASP D 30 29.32 -1.92 13.49
CA ASP D 30 29.72 -1.56 12.14
C ASP D 30 29.20 -2.59 11.14
N GLU D 31 27.88 -2.69 11.03
CA GLU D 31 27.25 -3.65 10.15
C GLU D 31 26.22 -2.97 9.25
N ASP D 32 26.21 -3.34 7.97
CA ASP D 32 25.25 -2.80 7.03
C ASP D 32 23.85 -3.31 7.32
N ARG D 33 22.98 -2.42 7.80
CA ARG D 33 21.59 -2.76 8.05
C ARG D 33 20.65 -1.93 7.18
N LYS D 34 21.21 -0.92 6.52
CA LYS D 34 20.46 -0.10 5.57
C LYS D 34 20.06 -0.92 4.34
N GLY D 35 18.76 -1.01 4.09
CA GLY D 35 18.26 -1.70 2.93
C GLY D 35 18.16 -0.81 1.70
MN MN E . 0.23 7.84 -11.75
MN MN F . -1.56 5.42 -11.93
MN MN G . 7.74 -3.56 11.67
MN MN H . 4.66 -3.88 12.05
#